data_5RZK
#
_entry.id   5RZK
#
_cell.length_a   38.620
_cell.length_b   77.690
_cell.length_c   99.640
_cell.angle_alpha   90.000
_cell.angle_beta   90.000
_cell.angle_gamma   90.000
#
_symmetry.space_group_name_H-M   'P 21 21 21'
#
loop_
_entity.id
_entity.type
_entity.pdbx_description
1 polymer 'Isoform 2 of Band 4.1-like protein 3'
2 non-polymer (1S)-1-(2,4-dimethyl-1,3-thiazol-5-yl)-N-methylethan-1-amine
3 non-polymer 'DIMETHYL SULFOXIDE'
4 non-polymer 1,2-ETHANEDIOL
5 water water
#
_entity_poly.entity_id   1
_entity_poly.type   'polypeptide(L)'
_entity_poly.pdbx_seq_one_letter_code
;SMPKSMQCKVILLDGSEYTCDVEKRSRGQVLFDKVCEHLNLLEKDYFGLTYRDAENQKNWLDPAKEIKKQVRSGAWHFSF
NVKFYPPDPAQLSEDITRYYLCLQLRDDIVSGRLPCSFVTLALLGSYTVQSELGDYDPDECGSDYISEFRFAPNHTKELE
DKVIELHKSHRGMTPAEAEMHFLENAKKLSMYGVDLHHAKDSEGVEIMLGVCASGLLIYRDRLRINRFAWPKVLKISYKR
NNFYIKIRPGEFEQFESTIGFKLPNHRAAKRLWKVCVEHHTFFRLL
;
_entity_poly.pdbx_strand_id   A
#
# COMPACT_ATOMS: atom_id res chain seq x y z
N PRO A 3 -33.75 1.62 -14.07
CA PRO A 3 -32.58 0.97 -13.43
C PRO A 3 -31.83 1.96 -12.52
N LYS A 4 -31.94 1.78 -11.20
CA LYS A 4 -31.51 2.80 -10.21
C LYS A 4 -30.00 2.81 -10.01
N SER A 5 -29.40 3.99 -10.07
N SER A 5 -29.41 4.00 -10.12
CA SER A 5 -27.93 4.20 -10.02
CA SER A 5 -27.94 4.24 -10.01
C SER A 5 -27.52 4.93 -8.74
C SER A 5 -27.61 4.79 -8.63
N MET A 6 -26.38 4.55 -8.16
CA MET A 6 -25.84 5.15 -6.92
C MET A 6 -24.60 5.94 -7.35
N GLN A 7 -24.49 7.17 -6.88
CA GLN A 7 -23.31 8.01 -7.10
C GLN A 7 -22.14 7.46 -6.29
N CYS A 8 -20.97 7.36 -6.91
CA CYS A 8 -19.73 6.89 -6.24
C CYS A 8 -18.72 8.00 -6.29
N LYS A 9 -18.05 8.28 -5.18
CA LYS A 9 -16.96 9.25 -5.13
C LYS A 9 -15.68 8.50 -4.73
N VAL A 10 -14.63 8.70 -5.53
CA VAL A 10 -13.34 7.97 -5.35
C VAL A 10 -12.23 8.99 -5.22
N ILE A 11 -11.50 8.97 -4.10
CA ILE A 11 -10.27 9.78 -3.91
C ILE A 11 -9.15 9.07 -4.68
N LEU A 12 -8.62 9.73 -5.70
CA LEU A 12 -7.51 9.24 -6.53
C LEU A 12 -6.18 9.52 -5.85
N LEU A 13 -5.11 8.88 -6.30
CA LEU A 13 -3.81 8.97 -5.61
C LEU A 13 -3.20 10.38 -5.74
N ASP A 14 -3.65 11.20 -6.71
CA ASP A 14 -3.18 12.61 -6.83
C ASP A 14 -4.02 13.52 -5.90
N GLY A 15 -4.90 12.94 -5.07
CA GLY A 15 -5.70 13.72 -4.10
C GLY A 15 -7.00 14.25 -4.67
N SER A 16 -7.20 14.21 -6.00
CA SER A 16 -8.46 14.65 -6.63
C SER A 16 -9.55 13.57 -6.46
N GLU A 17 -10.78 13.93 -6.87
CA GLU A 17 -12.01 13.14 -6.66
C GLU A 17 -12.59 12.75 -8.03
N TYR A 18 -12.80 11.46 -8.28
CA TYR A 18 -13.57 10.94 -9.44
C TYR A 18 -15.00 10.63 -8.95
N THR A 19 -16.00 11.07 -9.70
CA THR A 19 -17.44 10.80 -9.43
C THR A 19 -17.99 10.03 -10.62
N CYS A 20 -18.68 8.91 -10.37
CA CYS A 20 -19.44 8.17 -11.41
C CYS A 20 -20.68 7.55 -10.78
N ASP A 21 -21.52 6.94 -11.60
CA ASP A 21 -22.76 6.27 -11.16
C ASP A 21 -22.63 4.80 -11.51
N VAL A 22 -23.03 3.92 -10.62
CA VAL A 22 -23.22 2.47 -10.97
C VAL A 22 -24.62 2.05 -10.54
N GLU A 23 -25.18 1.04 -11.18
CA GLU A 23 -26.44 0.39 -10.76
C GLU A 23 -26.29 -0.06 -9.29
N LYS A 24 -27.31 0.14 -8.45
CA LYS A 24 -27.18 0.00 -6.97
C LYS A 24 -26.84 -1.46 -6.58
N ARG A 25 -27.12 -2.45 -7.44
CA ARG A 25 -26.76 -3.87 -7.18
C ARG A 25 -25.38 -4.21 -7.75
N SER A 26 -24.60 -3.23 -8.21
CA SER A 26 -23.31 -3.49 -8.92
C SER A 26 -22.30 -4.15 -7.99
N ARG A 27 -21.50 -5.05 -8.54
CA ARG A 27 -20.34 -5.68 -7.84
C ARG A 27 -19.18 -4.67 -7.85
N GLY A 28 -18.22 -4.84 -6.95
CA GLY A 28 -17.08 -3.92 -6.84
C GLY A 28 -16.33 -3.76 -8.16
N GLN A 29 -16.24 -4.85 -8.95
CA GLN A 29 -15.44 -4.87 -10.19
C GLN A 29 -15.94 -3.77 -11.13
N VAL A 30 -17.26 -3.54 -11.18
CA VAL A 30 -17.90 -2.56 -12.09
C VAL A 30 -17.26 -1.20 -11.83
N LEU A 31 -17.23 -0.76 -10.56
CA LEU A 31 -16.66 0.55 -10.16
C LEU A 31 -15.15 0.57 -10.44
N PHE A 32 -14.43 -0.46 -10.01
CA PHE A 32 -12.97 -0.57 -10.22
C PHE A 32 -12.65 -0.37 -11.72
N ASP A 33 -13.38 -1.05 -12.59
CA ASP A 33 -13.17 -0.99 -14.07
C ASP A 33 -13.34 0.45 -14.52
N LYS A 34 -14.39 1.14 -14.06
CA LYS A 34 -14.63 2.57 -14.38
C LYS A 34 -13.46 3.43 -13.91
N VAL A 35 -12.96 3.23 -12.69
CA VAL A 35 -11.86 4.08 -12.15
C VAL A 35 -10.57 3.81 -12.93
N CYS A 36 -10.30 2.55 -13.23
CA CYS A 36 -9.10 2.12 -13.99
C CYS A 36 -9.13 2.69 -15.42
N GLU A 37 -10.29 2.64 -16.09
CA GLU A 37 -10.48 3.28 -17.41
C GLU A 37 -10.15 4.77 -17.30
N HIS A 38 -10.77 5.48 -16.34
CA HIS A 38 -10.50 6.92 -16.08
C HIS A 38 -8.99 7.14 -15.95
N LEU A 39 -8.28 6.23 -15.29
CA LEU A 39 -6.85 6.43 -14.94
C LEU A 39 -5.95 5.96 -16.11
N ASN A 40 -6.52 5.39 -17.18
CA ASN A 40 -5.75 4.79 -18.31
C ASN A 40 -4.81 3.69 -17.78
N LEU A 41 -5.29 2.91 -16.82
CA LEU A 41 -4.50 1.86 -16.13
C LEU A 41 -4.91 0.48 -16.67
N LEU A 42 -3.95 -0.23 -17.23
CA LEU A 42 -4.15 -1.59 -17.80
C LEU A 42 -3.62 -2.65 -16.82
N GLU A 43 -2.56 -2.34 -16.07
CA GLU A 43 -2.01 -3.30 -15.10
C GLU A 43 -2.79 -3.17 -13.78
N LYS A 44 -4.05 -3.58 -13.82
CA LYS A 44 -5.02 -3.35 -12.71
C LYS A 44 -4.78 -4.29 -11.51
N ASP A 45 -4.10 -5.42 -11.68
CA ASP A 45 -3.99 -6.51 -10.68
C ASP A 45 -3.37 -6.00 -9.36
N TYR A 46 -2.53 -4.97 -9.41
CA TYR A 46 -1.81 -4.45 -8.22
C TYR A 46 -2.67 -3.52 -7.36
N PHE A 47 -3.85 -3.15 -7.83
CA PHE A 47 -4.66 -2.07 -7.22
C PHE A 47 -6.04 -2.56 -6.78
N GLY A 48 -6.74 -1.69 -6.05
CA GLY A 48 -8.11 -1.92 -5.60
C GLY A 48 -8.68 -0.64 -5.01
N LEU A 49 -9.92 -0.73 -4.57
CA LEU A 49 -10.63 0.37 -3.87
C LEU A 49 -10.73 -0.01 -2.41
N THR A 50 -10.55 0.97 -1.53
CA THR A 50 -10.77 0.85 -0.07
C THR A 50 -12.02 1.64 0.26
N TYR A 51 -12.74 1.23 1.31
CA TYR A 51 -13.81 2.01 1.93
C TYR A 51 -13.61 1.92 3.44
N ARG A 52 -14.28 2.80 4.17
CA ARG A 52 -14.28 2.85 5.65
C ARG A 52 -15.54 2.14 6.15
N ASP A 53 -15.41 1.20 7.09
CA ASP A 53 -16.58 0.48 7.64
C ASP A 53 -17.17 1.35 8.75
N ALA A 54 -18.23 0.86 9.40
CA ALA A 54 -18.94 1.56 10.51
C ALA A 54 -17.99 1.75 11.70
N GLU A 55 -16.91 0.98 11.80
CA GLU A 55 -15.88 1.14 12.86
C GLU A 55 -14.77 2.09 12.38
N ASN A 56 -14.92 2.69 11.19
CA ASN A 56 -13.93 3.59 10.52
C ASN A 56 -12.63 2.82 10.20
N GLN A 57 -12.70 1.51 9.98
CA GLN A 57 -11.49 0.72 9.57
C GLN A 57 -11.47 0.70 8.04
N LYS A 58 -10.29 0.81 7.46
CA LYS A 58 -10.10 0.61 6.00
C LYS A 58 -10.37 -0.85 5.65
N ASN A 59 -11.22 -1.07 4.66
CA ASN A 59 -11.47 -2.41 4.06
C ASN A 59 -11.21 -2.34 2.56
N TRP A 60 -10.72 -3.44 1.99
CA TRP A 60 -10.66 -3.60 0.52
C TRP A 60 -12.08 -3.89 0.03
N LEU A 61 -12.52 -3.16 -0.99
CA LEU A 61 -13.77 -3.48 -1.70
C LEU A 61 -13.54 -4.77 -2.48
N ASP A 62 -14.36 -5.78 -2.22
CA ASP A 62 -14.26 -7.08 -2.91
C ASP A 62 -14.92 -6.94 -4.27
N PRO A 63 -14.15 -7.10 -5.37
CA PRO A 63 -14.68 -6.92 -6.72
C PRO A 63 -15.78 -7.91 -7.11
N ALA A 64 -15.80 -9.06 -6.45
CA ALA A 64 -16.77 -10.14 -6.73
C ALA A 64 -18.09 -9.94 -6.00
N LYS A 65 -18.15 -9.07 -4.99
CA LYS A 65 -19.35 -8.93 -4.10
C LYS A 65 -20.06 -7.61 -4.38
N GLU A 66 -21.36 -7.57 -4.12
CA GLU A 66 -22.15 -6.32 -4.31
C GLU A 66 -21.54 -5.19 -3.45
N ILE A 67 -21.41 -4.01 -4.03
CA ILE A 67 -20.93 -2.81 -3.29
C ILE A 67 -21.82 -2.56 -2.07
N LYS A 68 -23.14 -2.60 -2.25
CA LYS A 68 -24.10 -2.26 -1.16
C LYS A 68 -23.89 -3.22 0.02
N LYS A 69 -23.49 -4.47 -0.20
CA LYS A 69 -23.36 -5.46 0.89
C LYS A 69 -22.02 -5.29 1.61
N GLN A 70 -21.19 -4.37 1.14
CA GLN A 70 -19.90 -4.07 1.79
C GLN A 70 -19.98 -2.70 2.48
N VAL A 71 -20.37 -1.65 1.77
CA VAL A 71 -20.47 -0.30 2.38
C VAL A 71 -21.66 -0.23 3.35
N ARG A 72 -22.65 -1.09 3.15
CA ARG A 72 -23.85 -1.32 4.01
C ARG A 72 -24.53 0.01 4.35
N SER A 73 -24.34 0.51 5.56
CA SER A 73 -25.06 1.71 6.04
C SER A 73 -24.27 2.96 5.65
N GLY A 74 -23.03 2.82 5.18
CA GLY A 74 -22.10 3.95 4.96
C GLY A 74 -22.24 4.58 3.58
N ALA A 75 -21.50 5.70 3.37
CA ALA A 75 -21.48 6.44 2.10
C ALA A 75 -20.78 5.61 1.04
N TRP A 76 -21.13 5.83 -0.22
CA TRP A 76 -20.41 5.20 -1.38
C TRP A 76 -19.19 6.07 -1.74
N HIS A 77 -18.24 6.09 -0.81
CA HIS A 77 -17.02 6.90 -0.82
C HIS A 77 -15.85 5.94 -0.73
N PHE A 78 -14.89 6.05 -1.64
CA PHE A 78 -13.80 5.06 -1.76
C PHE A 78 -12.50 5.80 -1.99
N SER A 79 -11.38 5.12 -1.80
CA SER A 79 -10.06 5.58 -2.26
C SER A 79 -9.52 4.53 -3.24
N PHE A 80 -8.80 4.99 -4.24
CA PHE A 80 -8.02 4.14 -5.15
C PHE A 80 -6.63 3.93 -4.59
N ASN A 81 -6.18 2.68 -4.43
CA ASN A 81 -4.92 2.38 -3.71
C ASN A 81 -4.17 1.21 -4.33
N VAL A 82 -2.88 1.15 -4.01
CA VAL A 82 -2.08 -0.06 -4.31
C VAL A 82 -2.47 -1.14 -3.30
N LYS A 83 -2.87 -2.32 -3.78
CA LYS A 83 -3.24 -3.47 -2.93
C LYS A 83 -2.05 -4.43 -2.79
N PHE A 84 -1.37 -4.72 -3.90
CA PHE A 84 -0.20 -5.64 -3.90
C PHE A 84 1.02 -4.86 -4.40
N TYR A 85 1.96 -4.58 -3.49
CA TYR A 85 3.18 -3.81 -3.85
C TYR A 85 4.13 -4.78 -4.55
N PRO A 86 4.49 -4.58 -5.83
CA PRO A 86 5.41 -5.51 -6.49
C PRO A 86 6.80 -5.40 -5.91
N PRO A 87 7.46 -6.53 -5.59
CA PRO A 87 8.81 -6.48 -5.07
C PRO A 87 9.80 -5.90 -6.07
N ASP A 88 9.53 -6.07 -7.37
CA ASP A 88 10.43 -5.57 -8.43
C ASP A 88 9.63 -4.74 -9.41
N PRO A 89 9.42 -3.42 -9.14
CA PRO A 89 8.62 -2.58 -10.03
C PRO A 89 9.19 -2.42 -11.45
N ALA A 90 10.49 -2.63 -11.64
CA ALA A 90 11.12 -2.61 -12.98
C ALA A 90 10.43 -3.64 -13.89
N GLN A 91 9.81 -4.66 -13.33
CA GLN A 91 9.19 -5.73 -14.15
C GLN A 91 7.77 -5.38 -14.56
N LEU A 92 7.17 -4.32 -14.01
CA LEU A 92 5.83 -3.85 -14.50
C LEU A 92 5.96 -3.47 -15.97
N SER A 93 4.95 -3.73 -16.80
CA SER A 93 5.08 -3.53 -18.25
C SER A 93 4.85 -2.06 -18.63
N GLU A 94 4.18 -1.23 -17.80
CA GLU A 94 3.91 0.17 -18.21
C GLU A 94 4.43 1.19 -17.20
N ASP A 95 4.90 2.31 -17.75
CA ASP A 95 5.37 3.48 -17.01
C ASP A 95 4.19 4.03 -16.18
N ILE A 96 2.96 3.99 -16.69
CA ILE A 96 1.83 4.62 -15.96
C ILE A 96 1.54 3.81 -14.69
N THR A 97 1.77 2.50 -14.72
CA THR A 97 1.64 1.63 -13.54
C THR A 97 2.64 2.11 -12.50
N ARG A 98 3.90 2.32 -12.91
CA ARG A 98 4.97 2.74 -11.97
C ARG A 98 4.61 4.10 -11.38
N TYR A 99 4.00 4.96 -12.18
CA TYR A 99 3.55 6.33 -11.78
C TYR A 99 2.55 6.26 -10.62
N TYR A 100 1.48 5.48 -10.75
CA TYR A 100 0.47 5.30 -9.67
C TYR A 100 1.15 4.70 -8.45
N LEU A 101 2.04 3.71 -8.65
CA LEU A 101 2.79 3.09 -7.53
C LEU A 101 3.58 4.19 -6.80
N CYS A 102 4.26 5.07 -7.53
CA CYS A 102 5.01 6.21 -6.93
C CYS A 102 4.05 7.10 -6.12
N LEU A 103 2.90 7.45 -6.69
CA LEU A 103 1.94 8.36 -5.98
C LEU A 103 1.52 7.66 -4.67
N GLN A 104 1.28 6.34 -4.70
CA GLN A 104 0.87 5.62 -3.47
C GLN A 104 2.00 5.73 -2.44
N LEU A 105 3.23 5.42 -2.88
CA LEU A 105 4.40 5.42 -1.98
C LEU A 105 4.64 6.80 -1.41
N ARG A 106 4.44 7.87 -2.18
CA ARG A 106 4.58 9.25 -1.63
C ARG A 106 3.60 9.45 -0.46
N ASP A 107 2.37 8.95 -0.57
CA ASP A 107 1.38 9.04 0.52
C ASP A 107 1.80 8.13 1.69
N ASP A 108 2.28 6.93 1.41
CA ASP A 108 2.80 6.03 2.44
C ASP A 108 3.88 6.77 3.25
N ILE A 109 4.75 7.52 2.58
CA ILE A 109 5.89 8.19 3.26
C ILE A 109 5.36 9.36 4.08
N VAL A 110 4.60 10.26 3.47
CA VAL A 110 4.07 11.51 4.12
C VAL A 110 3.24 11.13 5.35
N SER A 111 2.50 10.03 5.27
CA SER A 111 1.56 9.53 6.30
C SER A 111 2.33 8.88 7.45
N GLY A 112 3.60 8.51 7.25
CA GLY A 112 4.41 7.79 8.27
C GLY A 112 4.18 6.29 8.26
N ARG A 113 3.38 5.74 7.34
CA ARG A 113 3.23 4.27 7.16
C ARG A 113 4.52 3.64 6.67
N LEU A 114 5.35 4.39 5.94
CA LEU A 114 6.63 3.87 5.39
C LEU A 114 7.77 4.69 5.98
N PRO A 115 8.35 4.27 7.12
CA PRO A 115 9.42 5.04 7.73
C PRO A 115 10.60 5.02 6.76
N CYS A 116 11.42 6.06 6.81
N CYS A 116 11.30 6.15 6.69
CA CYS A 116 12.46 6.35 5.81
CA CYS A 116 12.48 6.42 5.82
C CYS A 116 13.51 7.28 6.43
C CYS A 116 13.54 7.15 6.64
N SER A 117 14.81 6.95 6.27
CA SER A 117 15.93 7.80 6.73
C SER A 117 15.85 9.16 6.05
N PHE A 118 16.45 10.16 6.68
CA PHE A 118 16.68 11.51 6.13
C PHE A 118 17.16 11.46 4.67
N VAL A 119 18.22 10.69 4.40
CA VAL A 119 18.88 10.70 3.07
C VAL A 119 17.91 10.10 2.06
N THR A 120 17.23 9.02 2.43
CA THR A 120 16.28 8.37 1.50
C THR A 120 15.07 9.27 1.29
N LEU A 121 14.55 9.95 2.31
CA LEU A 121 13.48 10.96 2.07
C LEU A 121 13.94 11.99 1.02
N ALA A 122 15.15 12.51 1.13
CA ALA A 122 15.70 13.56 0.23
C ALA A 122 15.88 12.99 -1.17
N LEU A 123 16.36 11.75 -1.27
CA LEU A 123 16.60 11.13 -2.59
C LEU A 123 15.27 10.86 -3.29
N LEU A 124 14.32 10.23 -2.60
CA LEU A 124 12.93 10.05 -3.12
C LEU A 124 12.34 11.41 -3.55
N GLY A 125 12.40 12.43 -2.69
CA GLY A 125 11.95 13.79 -3.02
C GLY A 125 12.58 14.32 -4.31
N SER A 126 13.90 14.20 -4.44
CA SER A 126 14.66 14.69 -5.61
C SER A 126 14.18 14.01 -6.91
N TYR A 127 13.81 12.73 -6.89
CA TYR A 127 13.29 12.02 -8.08
C TYR A 127 11.88 12.53 -8.38
N THR A 128 11.03 12.67 -7.36
CA THR A 128 9.68 13.27 -7.55
C THR A 128 9.83 14.63 -8.24
N VAL A 129 10.69 15.51 -7.71
CA VAL A 129 10.83 16.89 -8.25
C VAL A 129 11.30 16.78 -9.70
N GLN A 130 12.29 15.93 -9.99
CA GLN A 130 12.80 15.76 -11.36
C GLN A 130 11.70 15.28 -12.31
N SER A 131 10.93 14.27 -11.91
N SER A 131 10.92 14.29 -11.89
CA SER A 131 9.81 13.74 -12.73
CA SER A 131 9.81 13.70 -12.68
C SER A 131 8.82 14.86 -13.03
C SER A 131 8.76 14.78 -12.99
N GLU A 132 8.41 15.61 -12.00
CA GLU A 132 7.30 16.60 -12.13
C GLU A 132 7.70 17.98 -12.66
N LEU A 133 8.87 18.53 -12.31
CA LEU A 133 9.28 19.88 -12.79
C LEU A 133 10.32 19.74 -13.90
N GLY A 134 11.00 18.61 -13.99
CA GLY A 134 12.17 18.48 -14.88
C GLY A 134 13.42 19.04 -14.23
N ASP A 135 14.35 19.55 -15.03
CA ASP A 135 15.72 19.89 -14.61
C ASP A 135 15.68 20.97 -13.55
N TYR A 136 16.61 20.89 -12.60
CA TYR A 136 16.82 21.95 -11.60
C TYR A 136 16.95 23.31 -12.31
N ASP A 137 16.25 24.32 -11.81
CA ASP A 137 16.35 25.74 -12.23
C ASP A 137 16.62 26.63 -11.02
N PRO A 138 17.80 27.29 -10.94
CA PRO A 138 18.13 28.14 -9.79
C PRO A 138 17.22 29.36 -9.63
N ASP A 139 16.46 29.72 -10.67
CA ASP A 139 15.55 30.91 -10.69
C ASP A 139 14.37 30.67 -9.76
N GLU A 140 13.85 29.44 -9.70
CA GLU A 140 12.65 29.08 -8.90
C GLU A 140 13.03 28.86 -7.42
N CYS A 141 14.29 28.52 -7.16
CA CYS A 141 14.77 28.08 -5.83
C CYS A 141 15.98 28.90 -5.38
N GLY A 142 15.78 29.82 -4.44
CA GLY A 142 16.86 30.54 -3.75
C GLY A 142 17.31 29.74 -2.54
N SER A 143 18.16 30.34 -1.70
CA SER A 143 18.65 29.74 -0.43
C SER A 143 17.47 29.46 0.51
N ASP A 144 16.33 30.14 0.34
CA ASP A 144 15.18 30.09 1.28
C ASP A 144 14.03 29.25 0.67
N TYR A 145 14.30 28.41 -0.31
CA TYR A 145 13.26 27.64 -1.04
C TYR A 145 12.63 26.56 -0.14
N ILE A 146 11.28 26.52 -0.12
CA ILE A 146 10.47 25.38 0.40
C ILE A 146 9.50 24.92 -0.70
N SER A 147 9.66 23.67 -1.17
CA SER A 147 8.81 23.05 -2.21
C SER A 147 7.35 23.00 -1.74
N GLU A 148 6.43 23.02 -2.70
CA GLU A 148 4.99 22.71 -2.49
C GLU A 148 4.85 21.21 -2.22
N PHE A 149 5.82 20.40 -2.68
CA PHE A 149 5.77 18.92 -2.59
C PHE A 149 5.98 18.57 -1.12
N ARG A 150 5.13 17.65 -0.67
CA ARG A 150 5.20 16.99 0.65
C ARG A 150 6.12 15.79 0.47
N PHE A 151 7.20 15.77 1.24
CA PHE A 151 8.28 14.76 1.12
C PHE A 151 8.32 13.81 2.31
N ALA A 152 7.73 14.20 3.43
CA ALA A 152 7.98 13.54 4.72
C ALA A 152 6.87 13.88 5.69
N PRO A 153 6.70 13.07 6.75
CA PRO A 153 5.68 13.34 7.77
C PRO A 153 5.96 14.68 8.47
N ASN A 154 7.23 15.03 8.64
CA ASN A 154 7.69 16.33 9.22
C ASN A 154 8.77 16.94 8.32
N HIS A 155 8.56 18.16 7.84
CA HIS A 155 9.53 18.88 6.97
C HIS A 155 10.48 19.75 7.78
N THR A 156 11.75 19.76 7.40
CA THR A 156 12.78 20.69 7.91
C THR A 156 13.40 21.40 6.72
N LYS A 157 13.99 22.55 6.97
CA LYS A 157 14.76 23.31 5.96
C LYS A 157 15.92 22.45 5.46
N GLU A 158 16.59 21.73 6.37
CA GLU A 158 17.70 20.79 6.04
C GLU A 158 17.21 19.80 4.98
N LEU A 159 15.99 19.27 5.12
CA LEU A 159 15.49 18.25 4.18
C LEU A 159 15.27 18.94 2.84
N GLU A 160 14.64 20.10 2.82
CA GLU A 160 14.38 20.88 1.59
C GLU A 160 15.69 21.12 0.86
N ASP A 161 16.73 21.49 1.60
CA ASP A 161 18.08 21.80 1.06
C ASP A 161 18.62 20.54 0.36
N LYS A 162 18.47 19.38 1.01
CA LYS A 162 19.12 18.14 0.51
C LYS A 162 18.37 17.67 -0.73
N VAL A 163 17.04 17.83 -0.76
CA VAL A 163 16.24 17.54 -1.98
C VAL A 163 16.83 18.35 -3.16
N ILE A 164 17.05 19.63 -2.96
CA ILE A 164 17.58 20.52 -4.02
C ILE A 164 18.98 20.06 -4.44
N GLU A 165 19.86 19.76 -3.48
CA GLU A 165 21.26 19.34 -3.79
C GLU A 165 21.21 18.09 -4.66
N LEU A 166 20.29 17.16 -4.36
CA LEU A 166 20.21 15.89 -5.11
C LEU A 166 19.50 16.13 -6.44
N HIS A 167 18.50 17.02 -6.47
CA HIS A 167 17.78 17.39 -7.73
C HIS A 167 18.79 17.92 -8.79
N LYS A 168 19.72 18.75 -8.36
CA LYS A 168 20.78 19.28 -9.25
C LYS A 168 21.47 18.14 -10.00
N SER A 169 21.70 16.99 -9.34
CA SER A 169 22.48 15.85 -9.88
C SER A 169 21.70 15.14 -10.99
N HIS A 170 20.39 15.35 -11.10
CA HIS A 170 19.50 14.55 -12.00
C HIS A 170 19.24 15.25 -13.35
N ARG A 171 20.02 16.27 -13.72
CA ARG A 171 19.81 17.00 -15.01
C ARG A 171 19.75 16.00 -16.17
N GLY A 172 18.76 16.13 -17.05
CA GLY A 172 18.60 15.29 -18.25
C GLY A 172 17.70 14.10 -17.99
N MET A 173 17.28 13.87 -16.74
CA MET A 173 16.52 12.66 -16.38
C MET A 173 15.07 12.87 -16.80
N THR A 174 14.50 11.89 -17.48
CA THR A 174 13.10 11.93 -17.97
C THR A 174 12.18 11.40 -16.87
N PRO A 175 10.86 11.73 -16.93
CA PRO A 175 9.92 11.32 -15.89
C PRO A 175 9.91 9.82 -15.61
N ALA A 176 9.84 8.96 -16.63
CA ALA A 176 9.78 7.49 -16.42
C ALA A 176 11.08 7.05 -15.73
N GLU A 177 12.18 7.69 -16.12
CA GLU A 177 13.53 7.34 -15.59
C GLU A 177 13.59 7.73 -14.10
N ALA A 178 13.07 8.89 -13.73
CA ALA A 178 13.11 9.40 -12.35
C ALA A 178 12.18 8.53 -11.48
N GLU A 179 11.01 8.19 -12.00
CA GLU A 179 10.03 7.31 -11.33
C GLU A 179 10.64 5.92 -11.12
N MET A 180 11.37 5.39 -12.10
CA MET A 180 12.02 4.06 -11.92
C MET A 180 13.07 4.17 -10.80
N HIS A 181 13.87 5.23 -10.76
CA HIS A 181 14.86 5.47 -9.68
C HIS A 181 14.13 5.60 -8.32
N PHE A 182 13.00 6.29 -8.30
CA PHE A 182 12.20 6.42 -7.06
C PHE A 182 11.90 5.01 -6.53
N LEU A 183 11.36 4.17 -7.40
CA LEU A 183 10.93 2.80 -7.05
C LEU A 183 12.11 1.89 -6.67
N GLU A 184 13.27 2.02 -7.32
CA GLU A 184 14.46 1.17 -7.03
C GLU A 184 14.93 1.46 -5.60
N ASN A 185 14.80 2.70 -5.12
CA ASN A 185 15.13 3.06 -3.71
C ASN A 185 13.98 2.67 -2.77
N ALA A 186 12.72 2.99 -3.11
CA ALA A 186 11.56 2.80 -2.20
C ALA A 186 11.41 1.32 -1.85
N LYS A 187 11.63 0.44 -2.84
CA LYS A 187 11.33 -1.01 -2.77
C LYS A 187 12.23 -1.66 -1.73
N LYS A 188 13.36 -1.01 -1.39
CA LYS A 188 14.36 -1.58 -0.45
C LYS A 188 14.03 -1.23 1.00
N LEU A 189 13.14 -0.27 1.26
CA LEU A 189 12.80 0.13 2.64
C LEU A 189 12.19 -1.07 3.37
N SER A 190 12.51 -1.26 4.64
CA SER A 190 12.12 -2.47 5.40
C SER A 190 10.59 -2.57 5.52
N MET A 191 9.83 -1.47 5.42
CA MET A 191 8.34 -1.48 5.57
C MET A 191 7.66 -1.31 4.21
N TYR A 192 8.40 -1.42 3.11
CA TYR A 192 7.82 -1.30 1.74
C TYR A 192 6.72 -2.34 1.55
N GLY A 193 5.50 -1.87 1.26
CA GLY A 193 4.32 -2.71 0.99
C GLY A 193 3.93 -3.60 2.17
N VAL A 194 4.26 -3.20 3.39
CA VAL A 194 3.87 -3.98 4.60
C VAL A 194 2.57 -3.39 5.12
N ASP A 195 1.48 -4.17 5.08
CA ASP A 195 0.16 -3.84 5.68
C ASP A 195 0.22 -4.28 7.15
N LEU A 196 0.20 -3.33 8.11
CA LEU A 196 0.40 -3.62 9.56
C LEU A 196 -0.94 -3.79 10.28
N HIS A 197 -1.03 -4.80 11.14
CA HIS A 197 -2.22 -5.06 11.98
C HIS A 197 -1.78 -5.20 13.43
N HIS A 198 -2.31 -4.39 14.34
CA HIS A 198 -2.21 -4.60 15.82
C HIS A 198 -2.80 -5.97 16.23
N ALA A 199 -2.12 -6.66 17.14
CA ALA A 199 -2.51 -8.01 17.62
C ALA A 199 -1.81 -8.33 18.93
N LYS A 200 -2.24 -9.42 19.57
CA LYS A 200 -1.57 -10.01 20.76
C LYS A 200 -1.18 -11.44 20.41
N ASP A 201 -0.02 -11.89 20.90
CA ASP A 201 0.42 -13.30 20.70
C ASP A 201 -0.38 -14.17 21.68
N SER A 202 -0.18 -15.49 21.62
CA SER A 202 -0.88 -16.50 22.45
C SER A 202 -0.65 -16.28 23.96
N GLU A 203 0.29 -15.43 24.35
CA GLU A 203 0.57 -15.08 25.76
C GLU A 203 -0.09 -13.74 26.16
N GLY A 204 -0.66 -12.98 25.23
CA GLY A 204 -1.20 -11.63 25.53
C GLY A 204 -0.21 -10.50 25.30
N VAL A 205 0.98 -10.76 24.73
CA VAL A 205 1.98 -9.70 24.44
C VAL A 205 1.54 -9.00 23.14
N GLU A 206 1.52 -7.66 23.16
CA GLU A 206 1.15 -6.79 22.03
C GLU A 206 2.24 -6.88 20.98
N ILE A 207 1.84 -7.23 19.77
CA ILE A 207 2.73 -7.33 18.58
C ILE A 207 2.06 -6.57 17.44
N MET A 208 2.78 -6.45 16.32
CA MET A 208 2.22 -6.06 15.01
C MET A 208 2.44 -7.25 14.09
N LEU A 209 1.43 -7.55 13.27
CA LEU A 209 1.54 -8.50 12.16
C LEU A 209 1.63 -7.72 10.85
N GLY A 210 2.67 -7.97 10.03
CA GLY A 210 2.83 -7.29 8.73
C GLY A 210 2.51 -8.23 7.61
N VAL A 211 1.68 -7.81 6.66
CA VAL A 211 1.33 -8.65 5.48
C VAL A 211 2.00 -8.06 4.25
N CYS A 212 2.78 -8.87 3.55
CA CYS A 212 3.50 -8.43 2.34
C CYS A 212 3.89 -9.61 1.46
N ALA A 213 4.51 -9.29 0.32
CA ALA A 213 4.93 -10.26 -0.71
C ALA A 213 5.71 -11.41 -0.10
N SER A 214 6.58 -11.13 0.87
CA SER A 214 7.58 -12.13 1.36
C SER A 214 6.96 -12.94 2.51
N GLY A 215 5.78 -12.58 2.99
CA GLY A 215 5.06 -13.46 3.94
C GLY A 215 4.39 -12.68 5.04
N LEU A 216 4.17 -13.34 6.15
CA LEU A 216 3.56 -12.74 7.34
C LEU A 216 4.71 -12.43 8.29
N LEU A 217 4.85 -11.16 8.68
CA LEU A 217 5.94 -10.73 9.57
C LEU A 217 5.34 -10.51 10.95
N ILE A 218 6.09 -10.88 11.99
CA ILE A 218 5.75 -10.61 13.41
C ILE A 218 6.75 -9.62 13.98
N TYR A 219 6.29 -8.47 14.45
CA TYR A 219 7.12 -7.42 15.10
C TYR A 219 6.84 -7.43 16.61
N ARG A 220 7.88 -7.60 17.43
CA ARG A 220 7.80 -7.53 18.92
C ARG A 220 9.13 -7.02 19.48
N ASP A 221 9.10 -5.84 20.11
CA ASP A 221 10.22 -5.24 20.89
C ASP A 221 11.33 -4.76 19.95
N ARG A 222 11.20 -5.04 18.65
CA ARG A 222 12.08 -4.49 17.58
C ARG A 222 13.42 -5.22 17.58
N LEU A 223 13.60 -6.21 18.45
CA LEU A 223 14.83 -7.05 18.53
C LEU A 223 14.49 -8.51 18.14
N ARG A 224 13.19 -8.85 18.12
CA ARG A 224 12.69 -10.23 17.86
C ARG A 224 11.63 -10.17 16.76
N ILE A 225 12.06 -10.23 15.49
CA ILE A 225 11.18 -10.15 14.29
C ILE A 225 11.18 -11.51 13.57
N ASN A 226 10.07 -12.25 13.67
CA ASN A 226 9.88 -13.55 12.99
C ASN A 226 9.17 -13.30 11.66
N ARG A 227 9.40 -14.16 10.66
CA ARG A 227 8.73 -14.10 9.33
C ARG A 227 8.32 -15.51 8.91
N PHE A 228 7.13 -15.63 8.32
CA PHE A 228 6.59 -16.88 7.75
C PHE A 228 6.41 -16.62 6.24
N ALA A 229 7.35 -17.08 5.43
CA ALA A 229 7.24 -17.01 3.95
C ALA A 229 5.93 -17.67 3.55
N TRP A 230 5.25 -17.14 2.54
CA TRP A 230 3.94 -17.68 2.12
C TRP A 230 3.99 -19.18 1.80
N PRO A 231 5.01 -19.69 1.09
CA PRO A 231 5.02 -21.11 0.73
C PRO A 231 4.93 -22.01 1.98
N LYS A 232 5.50 -21.60 3.12
CA LYS A 232 5.47 -22.38 4.40
C LYS A 232 4.04 -22.45 4.97
N VAL A 233 3.15 -21.56 4.55
CA VAL A 233 1.80 -21.41 5.17
C VAL A 233 0.81 -22.26 4.38
N LEU A 234 0.26 -23.31 5.00
CA LEU A 234 -0.70 -24.24 4.34
C LEU A 234 -2.13 -23.75 4.51
N LYS A 235 -2.42 -23.08 5.62
CA LYS A 235 -3.82 -22.71 5.95
C LYS A 235 -3.83 -21.49 6.85
N ILE A 236 -4.71 -20.57 6.49
CA ILE A 236 -4.99 -19.33 7.26
C ILE A 236 -6.45 -19.40 7.64
N SER A 237 -6.76 -19.20 8.92
CA SER A 237 -8.14 -19.28 9.42
C SER A 237 -8.36 -18.22 10.50
N TYR A 238 -9.62 -17.93 10.82
CA TYR A 238 -10.00 -17.07 11.95
C TYR A 238 -11.18 -17.68 12.70
N LYS A 239 -11.32 -17.34 13.97
CA LYS A 239 -12.44 -17.84 14.81
C LYS A 239 -12.58 -16.86 15.95
N ARG A 240 -13.78 -16.27 16.10
CA ARG A 240 -14.05 -15.19 17.08
C ARG A 240 -13.02 -14.07 16.86
N ASN A 241 -12.22 -13.73 17.87
CA ASN A 241 -11.23 -12.62 17.81
C ASN A 241 -9.83 -13.18 17.49
N ASN A 242 -9.75 -14.42 17.04
CA ASN A 242 -8.47 -15.15 16.86
C ASN A 242 -8.15 -15.37 15.39
N PHE A 243 -6.85 -15.25 15.08
CA PHE A 243 -6.28 -15.51 13.75
C PHE A 243 -5.29 -16.68 13.88
N TYR A 244 -5.31 -17.63 12.94
CA TYR A 244 -4.45 -18.86 12.95
C TYR A 244 -3.74 -19.04 11.63
N ILE A 245 -2.45 -19.36 11.68
CA ILE A 245 -1.72 -19.85 10.48
C ILE A 245 -1.23 -21.27 10.75
N LYS A 246 -1.47 -22.16 9.80
CA LYS A 246 -0.93 -23.54 9.86
C LYS A 246 0.34 -23.60 9.00
N ILE A 247 1.46 -23.87 9.67
CA ILE A 247 2.82 -24.04 9.08
C ILE A 247 3.01 -25.49 8.62
N ARG A 248 3.72 -25.67 7.51
CA ARG A 248 4.14 -27.00 7.00
C ARG A 248 5.04 -27.63 8.05
N PRO A 249 5.00 -28.96 8.29
CA PRO A 249 6.05 -29.60 9.08
C PRO A 249 7.42 -29.31 8.45
N GLY A 250 8.39 -28.94 9.28
CA GLY A 250 9.83 -28.99 8.91
C GLY A 250 10.25 -30.40 8.53
N GLU A 251 11.40 -30.52 7.83
CA GLU A 251 11.98 -31.84 7.44
C GLU A 251 12.07 -32.73 8.70
N PHE A 252 11.58 -33.97 8.61
CA PHE A 252 11.67 -35.03 9.65
C PHE A 252 10.78 -34.70 10.84
N GLU A 253 9.96 -33.65 10.78
CA GLU A 253 9.01 -33.34 11.87
C GLU A 253 7.72 -34.12 11.60
N GLN A 254 7.08 -34.65 12.64
CA GLN A 254 5.89 -35.50 12.47
C GLN A 254 4.67 -34.60 12.14
N PHE A 255 4.60 -33.39 12.72
CA PHE A 255 3.33 -32.62 12.77
C PHE A 255 3.52 -31.21 12.24
N GLU A 256 2.50 -30.74 11.53
CA GLU A 256 2.27 -29.31 11.19
C GLU A 256 2.27 -28.55 12.51
N SER A 257 2.49 -27.24 12.49
CA SER A 257 2.32 -26.39 13.70
C SER A 257 1.34 -25.25 13.38
N THR A 258 0.45 -24.96 14.32
CA THR A 258 -0.62 -23.94 14.17
C THR A 258 -0.25 -22.78 15.10
N ILE A 259 -0.13 -21.54 14.60
CA ILE A 259 0.23 -20.39 15.48
C ILE A 259 -0.96 -19.42 15.54
N GLY A 260 -1.30 -18.98 16.75
CA GLY A 260 -2.55 -18.26 17.04
C GLY A 260 -2.29 -16.87 17.54
N PHE A 261 -3.10 -15.90 17.12
CA PHE A 261 -3.00 -14.50 17.61
C PHE A 261 -4.39 -13.96 17.95
N LYS A 262 -4.40 -12.98 18.84
CA LYS A 262 -5.63 -12.28 19.30
C LYS A 262 -5.69 -10.93 18.60
N LEU A 263 -6.79 -10.66 17.91
CA LEU A 263 -7.06 -9.37 17.24
C LEU A 263 -8.04 -8.56 18.09
N PRO A 264 -8.08 -7.22 17.90
CA PRO A 264 -8.98 -6.33 18.64
C PRO A 264 -10.44 -6.81 18.71
N ASN A 265 -10.93 -7.43 17.63
CA ASN A 265 -12.36 -7.83 17.52
C ASN A 265 -12.50 -8.78 16.36
N HIS A 266 -13.70 -9.32 16.17
CA HIS A 266 -13.96 -10.34 15.14
C HIS A 266 -13.74 -9.77 13.74
N ARG A 267 -14.08 -8.50 13.52
CA ARG A 267 -13.99 -7.89 12.17
C ARG A 267 -12.52 -7.73 11.80
N ALA A 268 -11.68 -7.40 12.79
CA ALA A 268 -10.22 -7.24 12.62
C ALA A 268 -9.58 -8.59 12.30
N ALA A 269 -10.01 -9.69 12.95
CA ALA A 269 -9.52 -11.05 12.64
C ALA A 269 -9.88 -11.42 11.20
N LYS A 270 -11.12 -11.19 10.79
CA LYS A 270 -11.60 -11.59 9.44
C LYS A 270 -10.80 -10.81 8.36
N ARG A 271 -10.63 -9.53 8.57
CA ARG A 271 -9.92 -8.58 7.68
C ARG A 271 -8.46 -9.06 7.50
N LEU A 272 -7.79 -9.39 8.60
CA LEU A 272 -6.40 -9.89 8.52
C LEU A 272 -6.39 -11.23 7.76
N TRP A 273 -7.33 -12.13 8.06
CA TRP A 273 -7.45 -13.41 7.33
C TRP A 273 -7.56 -13.13 5.83
N LYS A 274 -8.44 -12.22 5.42
CA LYS A 274 -8.73 -12.01 3.98
C LYS A 274 -7.49 -11.44 3.26
N VAL A 275 -6.82 -10.45 3.86
CA VAL A 275 -5.64 -9.84 3.19
C VAL A 275 -4.50 -10.88 3.11
N CYS A 276 -4.34 -11.75 4.11
CA CYS A 276 -3.34 -12.86 4.09
C CYS A 276 -3.65 -13.85 2.95
N VAL A 277 -4.89 -14.32 2.86
CA VAL A 277 -5.30 -15.30 1.80
C VAL A 277 -5.00 -14.65 0.44
N GLU A 278 -5.33 -13.36 0.30
CA GLU A 278 -5.17 -12.64 -0.99
C GLU A 278 -3.67 -12.48 -1.32
N HIS A 279 -2.86 -12.09 -0.35
CA HIS A 279 -1.39 -11.99 -0.55
C HIS A 279 -0.84 -13.38 -0.91
N HIS A 280 -1.26 -14.42 -0.20
CA HIS A 280 -0.79 -15.83 -0.40
C HIS A 280 -1.07 -16.22 -1.86
N THR A 281 -2.29 -16.04 -2.32
CA THR A 281 -2.65 -16.34 -3.73
C THR A 281 -1.82 -15.47 -4.66
N PHE A 282 -1.82 -14.16 -4.47
CA PHE A 282 -1.22 -13.21 -5.45
C PHE A 282 0.26 -13.53 -5.65
N PHE A 283 0.99 -13.72 -4.55
CA PHE A 283 2.47 -13.83 -4.59
C PHE A 283 2.89 -15.28 -4.84
N ARG A 284 2.01 -16.27 -4.63
CA ARG A 284 2.16 -17.65 -5.19
C ARG A 284 2.17 -17.59 -6.74
N LEU A 285 1.40 -16.70 -7.38
CA LEU A 285 1.20 -16.73 -8.86
C LEU A 285 2.09 -15.71 -9.57
N LEU A 286 2.36 -14.55 -8.93
CA LEU A 286 3.00 -13.40 -9.62
C LEU A 286 4.23 -13.92 -10.37
#